data_8A8R
#
_entry.id   8A8R
#
_cell.length_a   43.026
_cell.length_b   76.71
_cell.length_c   164.622
_cell.angle_alpha   90
_cell.angle_beta   90
_cell.angle_gamma   90
#
_symmetry.space_group_name_H-M   'P 21 21 21'
#
loop_
_entity.id
_entity.type
_entity.pdbx_description
1 polymer 'Transcriptional enhancer factor TEF-3'
2 polymer 'Isoform 7 of Transcriptional coactivator YAP1'
3 non-polymer 'MYRISTIC ACID'
4 water water
#
loop_
_entity_poly.entity_id
_entity_poly.type
_entity_poly.pdbx_seq_one_letter_code
_entity_poly.pdbx_strand_id
1 'polypeptide(L)'
;GRSVASSKLWMLEFSAFLEQQQDPDTYNKHLFVHIGQSSPSYSDPYLEAVDIRQIYDKFPEKKGGLKDLFERGPSNAFFL
VKFWADLNTNIEDEGSSFYGVSSQYESPENMIITCSTKVCSFGKQVVEKVETEYARYENGHYSYRIHRSPLCEYMINFIH
KLKHLPEKYMMNSVLENFTILQVVTNRDTQETLLCIAYVFEVSASEHGAQHHIYRLVKE
;
A,B
2 'polypeptide(L)' (ACE)AGHQIVHVRGDSETDLEALFNAVMNPKTANVPQTVPMRLRKLPDSFFKPPE(NH2) L,M
#
loop_
_chem_comp.id
_chem_comp.type
_chem_comp.name
_chem_comp.formula
ACE non-polymer 'ACETYL GROUP' 'C2 H4 O'
MYR non-polymer 'MYRISTIC ACID' 'C14 H28 O2'
NH2 non-polymer 'AMINO GROUP' 'H2 N'
#
# COMPACT_ATOMS: atom_id res chain seq x y z
N ARG A 2 -7.70 -15.97 -11.97
CA ARG A 2 -6.75 -15.71 -13.07
C ARG A 2 -7.46 -15.26 -14.35
N SER A 3 -8.09 -14.09 -14.30
CA SER A 3 -8.85 -13.58 -15.45
C SER A 3 -8.02 -12.76 -16.47
N VAL A 4 -7.43 -11.61 -16.03
CA VAL A 4 -6.62 -10.78 -16.92
C VAL A 4 -5.22 -11.37 -16.87
N ALA A 5 -4.95 -12.37 -17.72
CA ALA A 5 -3.67 -13.08 -17.67
C ALA A 5 -3.28 -13.64 -19.01
N SER A 6 -2.05 -13.36 -19.42
CA SER A 6 -1.47 -13.93 -20.63
C SER A 6 -0.70 -15.21 -20.19
N SER A 7 0.18 -15.76 -21.04
CA SER A 7 0.98 -16.91 -20.61
C SER A 7 2.19 -16.41 -19.74
N LYS A 8 2.48 -15.09 -19.72
CA LYS A 8 3.64 -14.60 -19.00
C LYS A 8 3.31 -13.62 -17.87
N LEU A 9 2.08 -13.09 -17.82
CA LEU A 9 1.78 -12.09 -16.79
C LEU A 9 0.30 -12.10 -16.43
N TRP A 10 -0.01 -12.06 -15.14
CA TRP A 10 -1.38 -12.04 -14.66
C TRP A 10 -1.57 -10.76 -13.83
N MET A 11 -2.58 -9.94 -14.17
CA MET A 11 -2.87 -8.77 -13.37
C MET A 11 -3.88 -9.21 -12.31
N LEU A 12 -3.39 -9.40 -11.05
CA LEU A 12 -4.15 -9.87 -9.87
C LEU A 12 -5.08 -8.79 -9.34
N GLU A 13 -4.59 -7.55 -9.27
CA GLU A 13 -5.34 -6.45 -8.68
C GLU A 13 -5.14 -5.21 -9.53
N PHE A 14 -6.16 -4.38 -9.53
CA PHE A 14 -6.16 -3.07 -10.18
C PHE A 14 -7.25 -2.29 -9.46
N SER A 15 -6.92 -1.11 -8.96
CA SER A 15 -7.90 -0.25 -8.32
C SER A 15 -7.53 1.19 -8.50
N ALA A 16 -8.54 2.04 -8.65
CA ALA A 16 -8.32 3.48 -8.72
C ALA A 16 -9.15 4.05 -7.59
N PHE A 17 -8.57 4.99 -6.84
CA PHE A 17 -9.22 5.48 -5.64
C PHE A 17 -8.98 6.94 -5.33
N LEU A 18 -9.79 7.46 -4.40
CA LEU A 18 -9.65 8.78 -3.82
C LEU A 18 -9.50 8.55 -2.31
N GLU A 19 -8.37 8.96 -1.76
CA GLU A 19 -8.11 8.86 -0.33
C GLU A 19 -8.09 10.25 0.26
N GLN A 20 -8.92 10.50 1.29
CA GLN A 20 -9.01 11.78 1.97
C GLN A 20 -8.43 11.66 3.39
N GLN A 21 -7.55 12.57 3.76
CA GLN A 21 -6.95 12.59 5.09
C GLN A 21 -7.78 13.53 5.98
N GLN A 22 -8.57 13.03 6.93
CA GLN A 22 -9.36 13.91 7.83
C GLN A 22 -8.40 14.70 8.75
N ASP A 23 -7.38 14.00 9.25
CA ASP A 23 -6.34 14.49 10.14
C ASP A 23 -5.10 13.52 9.97
N PRO A 24 -3.96 13.74 10.66
CA PRO A 24 -2.80 12.84 10.45
C PRO A 24 -3.04 11.35 10.75
N ASP A 25 -4.12 11.02 11.48
CA ASP A 25 -4.37 9.62 11.83
C ASP A 25 -5.64 9.03 11.26
N THR A 26 -6.36 9.77 10.40
CA THR A 26 -7.64 9.30 9.92
C THR A 26 -7.74 9.45 8.41
N TYR A 27 -7.90 8.33 7.71
CA TYR A 27 -8.00 8.36 6.25
C TYR A 27 -9.25 7.65 5.78
N ASN A 28 -9.93 8.22 4.79
CA ASN A 28 -11.11 7.60 4.19
C ASN A 28 -10.76 7.32 2.74
N LYS A 29 -11.00 6.11 2.27
CA LYS A 29 -10.68 5.74 0.90
C LYS A 29 -11.93 5.28 0.16
N HIS A 30 -12.14 5.84 -1.01
CA HIS A 30 -13.26 5.48 -1.87
C HIS A 30 -12.68 4.81 -3.13
N LEU A 31 -13.22 3.64 -3.54
CA LEU A 31 -12.75 2.98 -4.76
C LEU A 31 -13.67 3.35 -5.93
N PHE A 32 -13.08 3.90 -7.00
CA PHE A 32 -13.83 4.24 -8.22
C PHE A 32 -14.06 2.95 -9.01
N VAL A 33 -13.02 2.13 -9.15
CA VAL A 33 -13.08 0.84 -9.84
C VAL A 33 -12.16 -0.15 -9.09
N HIS A 34 -12.46 -1.46 -9.18
CA HIS A 34 -11.64 -2.44 -8.49
CA HIS A 34 -11.66 -2.45 -8.47
C HIS A 34 -11.75 -3.84 -9.06
N ILE A 35 -10.61 -4.41 -9.40
CA ILE A 35 -10.46 -5.78 -9.87
C ILE A 35 -9.54 -6.39 -8.81
N GLY A 36 -9.97 -7.48 -8.20
CA GLY A 36 -9.19 -8.15 -7.16
C GLY A 36 -9.49 -9.61 -7.02
N GLN A 37 -8.84 -10.27 -6.03
CA GLN A 37 -9.02 -11.70 -5.77
C GLN A 37 -9.97 -11.99 -4.60
N LEU A 47 -14.77 -16.14 -19.56
CA LEU A 47 -14.60 -14.84 -20.23
C LEU A 47 -15.12 -14.93 -21.65
N GLU A 48 -16.15 -14.14 -21.96
CA GLU A 48 -16.69 -14.05 -23.33
C GLU A 48 -15.66 -13.33 -24.23
N ALA A 49 -15.64 -13.67 -25.53
CA ALA A 49 -14.72 -13.00 -26.44
C ALA A 49 -15.38 -11.80 -27.11
N VAL A 50 -14.58 -10.79 -27.46
CA VAL A 50 -15.03 -9.63 -28.19
C VAL A 50 -14.12 -9.49 -29.41
N ASP A 51 -14.73 -9.30 -30.62
CA ASP A 51 -13.95 -9.08 -31.85
C ASP A 51 -13.27 -7.73 -31.71
N ILE A 52 -11.93 -7.71 -31.65
CA ILE A 52 -11.16 -6.49 -31.45
C ILE A 52 -11.42 -5.42 -32.52
N ARG A 53 -11.79 -5.86 -33.77
CA ARG A 53 -12.11 -4.92 -34.82
C ARG A 53 -13.30 -4.02 -34.44
N GLN A 54 -14.16 -4.45 -33.47
CA GLN A 54 -15.28 -3.63 -33.01
C GLN A 54 -14.83 -2.43 -32.16
N ILE A 55 -13.56 -2.38 -31.73
CA ILE A 55 -13.10 -1.26 -30.89
C ILE A 55 -11.90 -0.49 -31.46
N TYR A 56 -11.37 -0.89 -32.62
CA TYR A 56 -10.22 -0.21 -33.21
C TYR A 56 -10.33 1.33 -33.33
N ASP A 57 -11.49 1.83 -33.70
CA ASP A 57 -11.70 3.27 -33.87
C ASP A 57 -11.72 4.05 -32.54
N LYS A 58 -11.75 3.35 -31.40
CA LYS A 58 -11.76 4.02 -30.07
C LYS A 58 -10.39 4.13 -29.40
N PHE A 59 -9.34 3.63 -30.07
CA PHE A 59 -7.97 3.63 -29.56
C PHE A 59 -7.03 4.17 -30.65
N PRO A 60 -5.86 4.71 -30.29
CA PRO A 60 -4.95 5.23 -31.33
C PRO A 60 -4.56 4.13 -32.33
N GLU A 61 -4.52 4.46 -33.62
CA GLU A 61 -4.18 3.48 -34.64
C GLU A 61 -3.00 3.89 -35.51
N LYS A 62 -2.09 4.71 -34.97
CA LYS A 62 -0.89 5.06 -35.72
C LYS A 62 0.10 3.85 -35.61
N LYS A 63 1.41 4.01 -35.92
CA LYS A 63 2.37 2.92 -35.73
C LYS A 63 2.45 2.65 -34.20
N GLY A 64 2.39 1.39 -33.82
CA GLY A 64 2.42 1.04 -32.40
C GLY A 64 1.05 1.11 -31.72
N GLY A 65 0.00 1.36 -32.51
CA GLY A 65 -1.37 1.42 -32.02
C GLY A 65 -1.96 0.06 -31.72
N LEU A 66 -3.24 0.01 -31.31
CA LEU A 66 -3.89 -1.26 -30.90
C LEU A 66 -3.86 -2.37 -31.97
N LYS A 67 -4.22 -2.04 -33.23
CA LYS A 67 -4.22 -3.01 -34.34
C LYS A 67 -2.83 -3.58 -34.58
N ASP A 68 -1.80 -2.70 -34.59
CA ASP A 68 -0.42 -3.13 -34.79
C ASP A 68 0.00 -4.08 -33.67
N LEU A 69 -0.31 -3.70 -32.41
CA LEU A 69 0.05 -4.50 -31.24
C LEU A 69 -0.63 -5.85 -31.30
N PHE A 70 -1.93 -5.88 -31.65
CA PHE A 70 -2.67 -7.12 -31.71
C PHE A 70 -2.15 -8.05 -32.78
N GLU A 71 -1.82 -7.49 -33.95
CA GLU A 71 -1.30 -8.28 -35.06
C GLU A 71 0.09 -8.85 -34.75
N ARG A 72 0.90 -8.09 -34.01
CA ARG A 72 2.20 -8.56 -33.53
C ARG A 72 2.02 -9.72 -32.53
N GLY A 73 0.96 -9.65 -31.73
CA GLY A 73 0.64 -10.67 -30.73
C GLY A 73 1.51 -10.64 -29.47
N PRO A 74 1.43 -11.67 -28.62
CA PRO A 74 0.55 -12.87 -28.74
C PRO A 74 -0.91 -12.50 -28.49
N SER A 75 -1.82 -13.16 -29.23
CA SER A 75 -3.25 -12.87 -29.11
C SER A 75 -3.80 -13.16 -27.71
N ASN A 76 -3.16 -14.05 -26.92
CA ASN A 76 -3.66 -14.35 -25.58
C ASN A 76 -3.34 -13.27 -24.52
N ALA A 77 -2.71 -12.16 -24.92
CA ALA A 77 -2.34 -11.07 -24.01
C ALA A 77 -3.32 -9.90 -24.04
N PHE A 78 -4.39 -9.96 -24.91
CA PHE A 78 -5.32 -8.86 -25.11
C PHE A 78 -6.69 -8.99 -24.44
N PHE A 79 -7.05 -7.96 -23.68
CA PHE A 79 -8.28 -7.99 -22.91
C PHE A 79 -9.04 -6.70 -23.03
N LEU A 80 -10.35 -6.78 -22.82
CA LEU A 80 -11.22 -5.60 -22.81
C LEU A 80 -11.96 -5.65 -21.48
N VAL A 81 -11.87 -4.57 -20.71
CA VAL A 81 -12.53 -4.48 -19.44
C VAL A 81 -13.60 -3.39 -19.52
N LYS A 82 -14.84 -3.71 -19.17
CA LYS A 82 -15.91 -2.73 -19.13
C LYS A 82 -16.09 -2.44 -17.64
N PHE A 83 -15.94 -1.18 -17.24
CA PHE A 83 -16.15 -0.78 -15.85
C PHE A 83 -17.41 0.04 -15.73
N TRP A 84 -18.10 -0.11 -14.59
CA TRP A 84 -19.21 0.73 -14.14
C TRP A 84 -18.58 1.36 -12.90
N ALA A 85 -18.08 2.59 -13.05
CA ALA A 85 -17.34 3.26 -11.99
C ALA A 85 -18.22 3.87 -10.92
N ASP A 86 -17.79 3.83 -9.67
CA ASP A 86 -18.53 4.41 -8.57
C ASP A 86 -18.04 5.84 -8.36
N LEU A 87 -18.86 6.82 -8.77
CA LEU A 87 -18.50 8.23 -8.58
C LEU A 87 -19.14 8.88 -7.33
N ASN A 88 -19.83 8.10 -6.50
CA ASN A 88 -20.48 8.62 -5.29
C ASN A 88 -19.46 8.93 -4.18
N THR A 89 -18.80 10.11 -4.24
CA THR A 89 -17.77 10.51 -3.28
C THR A 89 -18.04 11.90 -2.67
N ASN A 90 -17.36 12.19 -1.51
CA ASN A 90 -17.40 13.41 -0.71
C ASN A 90 -18.66 14.26 -0.87
N GLY A 95 -9.77 15.99 3.92
CA GLY A 95 -9.09 17.28 4.00
C GLY A 95 -8.14 17.46 2.83
N SER A 96 -7.03 16.73 2.86
CA SER A 96 -6.03 16.68 1.81
C SER A 96 -6.42 15.44 0.99
N SER A 97 -6.61 15.59 -0.34
CA SER A 97 -7.00 14.48 -1.20
C SER A 97 -5.85 13.86 -1.97
N PHE A 98 -5.93 12.54 -2.25
CA PHE A 98 -4.95 11.85 -3.08
C PHE A 98 -5.71 10.90 -4.03
N TYR A 99 -5.57 11.11 -5.34
CA TYR A 99 -6.18 10.25 -6.34
C TYR A 99 -5.08 9.35 -6.84
N GLY A 100 -5.29 8.05 -6.72
CA GLY A 100 -4.26 7.09 -7.11
C GLY A 100 -4.75 5.84 -7.77
N VAL A 101 -3.80 5.10 -8.34
CA VAL A 101 -4.04 3.82 -8.99
C VAL A 101 -3.05 2.83 -8.43
N SER A 102 -3.53 1.66 -8.05
CA SER A 102 -2.67 0.60 -7.57
C SER A 102 -2.93 -0.64 -8.39
N SER A 103 -1.89 -1.42 -8.66
CA SER A 103 -2.03 -2.67 -9.40
C SER A 103 -0.95 -3.65 -9.00
N GLN A 104 -1.24 -4.94 -9.16
CA GLN A 104 -0.32 -6.00 -8.78
C GLN A 104 -0.35 -7.05 -9.88
N TYR A 105 0.82 -7.55 -10.25
CA TYR A 105 0.98 -8.55 -11.29
C TYR A 105 1.83 -9.72 -10.79
N GLU A 106 1.65 -10.90 -11.40
CA GLU A 106 2.49 -12.07 -11.12
C GLU A 106 2.97 -12.68 -12.42
N SER A 107 4.18 -13.23 -12.39
CA SER A 107 4.76 -13.91 -13.56
C SER A 107 5.67 -15.03 -13.10
N PRO A 108 5.76 -16.13 -13.87
CA PRO A 108 6.77 -17.15 -13.54
C PRO A 108 8.21 -16.66 -13.85
N GLU A 109 8.34 -15.58 -14.63
CA GLU A 109 9.63 -15.01 -15.03
C GLU A 109 10.02 -13.72 -14.30
N ASN A 110 11.30 -13.52 -14.17
CA ASN A 110 11.91 -12.35 -13.54
C ASN A 110 12.26 -11.45 -14.68
N MET A 111 11.54 -10.35 -14.82
CA MET A 111 11.66 -9.45 -15.95
C MET A 111 11.66 -8.02 -15.47
N ILE A 112 12.05 -7.11 -16.38
CA ILE A 112 11.86 -5.70 -16.21
C ILE A 112 10.62 -5.41 -17.07
N ILE A 113 9.57 -4.87 -16.45
CA ILE A 113 8.37 -4.56 -17.19
C ILE A 113 8.14 -3.06 -17.27
N THR A 114 7.60 -2.61 -18.39
CA THR A 114 7.23 -1.22 -18.58
C THR A 114 5.72 -1.20 -18.70
N CYS A 115 5.02 -0.40 -17.89
CA CYS A 115 3.56 -0.29 -18.01
C CYS A 115 3.26 1.08 -18.54
N SER A 116 2.71 1.13 -19.74
CA SER A 116 2.31 2.37 -20.37
C SER A 116 0.80 2.50 -20.25
N THR A 117 0.30 3.63 -19.75
CA THR A 117 -1.14 3.87 -19.71
C THR A 117 -1.49 5.09 -20.58
N LYS A 118 -2.28 4.90 -21.61
CA LYS A 118 -2.69 5.97 -22.51
C LYS A 118 -4.14 6.36 -22.25
N VAL A 119 -4.36 7.60 -21.86
CA VAL A 119 -5.71 8.11 -21.66
C VAL A 119 -6.10 8.68 -23.03
N CYS A 120 -7.22 8.21 -23.58
CA CYS A 120 -7.67 8.57 -24.91
C CYS A 120 -9.02 9.27 -24.96
N SER A 121 -9.10 10.27 -25.85
CA SER A 121 -10.29 11.06 -26.09
C SER A 121 -10.59 11.01 -27.60
N PHE A 122 -11.76 10.50 -28.00
CA PHE A 122 -12.13 10.31 -29.40
C PHE A 122 -11.10 9.45 -30.16
N GLY A 123 -10.53 8.46 -29.49
CA GLY A 123 -9.53 7.59 -30.09
C GLY A 123 -8.13 8.17 -30.18
N LYS A 124 -7.88 9.33 -29.58
CA LYS A 124 -6.56 9.97 -29.63
C LYS A 124 -5.96 10.10 -28.24
N GLN A 125 -4.66 9.79 -28.14
CA GLN A 125 -3.94 9.90 -26.89
C GLN A 125 -3.87 11.36 -26.40
N VAL A 126 -4.26 11.62 -25.16
CA VAL A 126 -4.15 12.95 -24.57
C VAL A 126 -3.08 12.95 -23.46
N VAL A 127 -2.97 11.84 -22.70
CA VAL A 127 -1.95 11.68 -21.65
C VAL A 127 -1.37 10.27 -21.76
N GLU A 128 -0.06 10.12 -21.56
CA GLU A 128 0.54 8.81 -21.46
C GLU A 128 1.38 8.78 -20.18
N LYS A 129 1.20 7.75 -19.35
CA LYS A 129 1.99 7.56 -18.13
C LYS A 129 2.84 6.31 -18.36
N VAL A 130 4.14 6.36 -18.08
CA VAL A 130 5.05 5.23 -18.27
C VAL A 130 5.76 4.94 -16.94
N GLU A 131 5.66 3.69 -16.49
CA GLU A 131 6.24 3.25 -15.22
C GLU A 131 7.05 1.99 -15.46
N THR A 132 8.23 1.93 -14.87
CA THR A 132 9.09 0.77 -15.00
C THR A 132 9.07 0.03 -13.67
N GLU A 133 8.86 -1.29 -13.73
CA GLU A 133 8.77 -2.13 -12.54
C GLU A 133 9.69 -3.34 -12.57
N TYR A 134 10.31 -3.63 -11.42
CA TYR A 134 11.18 -4.79 -11.21
C TYR A 134 10.47 -5.84 -10.32
N ALA A 135 10.93 -7.06 -10.42
CA ALA A 135 10.35 -8.21 -9.80
C ALA A 135 10.78 -8.36 -8.35
N ARG A 136 9.91 -9.02 -7.58
CA ARG A 136 10.22 -9.45 -6.21
C ARG A 136 9.90 -10.95 -6.20
N TYR A 137 10.86 -11.79 -5.81
CA TYR A 137 10.64 -13.23 -5.70
C TYR A 137 9.55 -13.52 -4.66
N GLU A 138 8.64 -14.45 -5.01
CA GLU A 138 7.50 -14.81 -4.17
C GLU A 138 7.05 -16.24 -4.46
N ASN A 139 7.34 -17.19 -3.54
CA ASN A 139 6.91 -18.59 -3.64
C ASN A 139 7.30 -19.32 -4.95
N GLY A 140 8.48 -19.04 -5.44
CA GLY A 140 8.94 -19.64 -6.70
C GLY A 140 8.60 -18.80 -7.92
N HIS A 141 7.59 -17.88 -7.83
CA HIS A 141 7.24 -16.99 -8.97
C HIS A 141 7.68 -15.51 -8.65
N TYR A 142 7.27 -14.50 -9.45
CA TYR A 142 7.68 -13.10 -9.30
C TYR A 142 6.52 -12.19 -9.24
N SER A 143 6.60 -11.23 -8.34
CA SER A 143 5.53 -10.29 -8.12
C SER A 143 5.96 -8.89 -8.56
N TYR A 144 5.04 -8.11 -9.10
CA TYR A 144 5.30 -6.75 -9.55
C TYR A 144 4.20 -5.89 -8.96
N ARG A 145 4.54 -4.71 -8.46
CA ARG A 145 3.57 -3.84 -7.84
C ARG A 145 3.77 -2.40 -8.24
N ILE A 146 2.66 -1.74 -8.61
CA ILE A 146 2.62 -0.32 -8.88
C ILE A 146 1.73 0.15 -7.75
N HIS A 147 2.32 0.77 -6.73
CA HIS A 147 1.57 1.16 -5.55
C HIS A 147 1.35 2.67 -5.48
N ARG A 148 0.07 3.09 -5.39
CA ARG A 148 -0.29 4.49 -5.23
C ARG A 148 0.30 5.40 -6.30
N SER A 149 0.23 4.98 -7.56
CA SER A 149 0.69 5.77 -8.69
C SER A 149 -0.28 6.96 -8.81
N PRO A 150 0.22 8.20 -8.85
CA PRO A 150 -0.70 9.36 -8.86
C PRO A 150 -1.54 9.47 -10.11
N LEU A 151 -2.81 9.80 -9.95
CA LEU A 151 -3.69 10.05 -11.08
C LEU A 151 -3.26 11.39 -11.69
N CYS A 152 -3.17 11.46 -13.02
CA CYS A 152 -2.78 12.71 -13.68
C CYS A 152 -3.86 13.79 -13.53
N GLU A 153 -3.49 15.06 -13.69
CA GLU A 153 -4.45 16.16 -13.55
C GLU A 153 -5.62 16.06 -14.53
N TYR A 154 -5.38 15.58 -15.75
CA TYR A 154 -6.45 15.42 -16.74
C TYR A 154 -7.57 14.51 -16.18
N MET A 155 -7.18 13.37 -15.58
CA MET A 155 -8.12 12.40 -15.01
C MET A 155 -8.84 12.95 -13.80
N ILE A 156 -8.12 13.66 -12.94
CA ILE A 156 -8.72 14.26 -11.76
C ILE A 156 -9.76 15.30 -12.15
N ASN A 157 -9.42 16.17 -13.11
CA ASN A 157 -10.39 17.19 -13.57
C ASN A 157 -11.57 16.57 -14.33
N PHE A 158 -11.33 15.44 -15.04
CA PHE A 158 -12.37 14.72 -15.76
C PHE A 158 -13.37 14.12 -14.75
N ILE A 159 -12.87 13.51 -13.66
CA ILE A 159 -13.74 12.95 -12.61
C ILE A 159 -14.60 14.06 -11.98
N HIS A 160 -13.98 15.22 -11.72
CA HIS A 160 -14.70 16.37 -11.17
C HIS A 160 -15.79 16.84 -12.12
N LYS A 161 -15.48 17.01 -13.41
CA LYS A 161 -16.47 17.46 -14.40
C LYS A 161 -17.62 16.47 -14.56
N LEU A 162 -17.30 15.17 -14.53
CA LEU A 162 -18.28 14.10 -14.62
C LEU A 162 -19.28 14.15 -13.48
N LYS A 163 -18.78 14.25 -12.23
CA LYS A 163 -19.63 14.32 -11.03
C LYS A 163 -20.55 15.52 -10.99
N HIS A 164 -20.17 16.62 -11.66
CA HIS A 164 -20.99 17.83 -11.68
C HIS A 164 -22.16 17.80 -12.68
N LEU A 165 -22.21 16.78 -13.56
CA LEU A 165 -23.34 16.64 -14.51
C LEU A 165 -24.60 16.28 -13.71
N PRO A 166 -25.76 16.85 -14.05
CA PRO A 166 -26.97 16.59 -13.25
C PRO A 166 -27.61 15.22 -13.44
N GLU A 167 -27.23 14.46 -14.48
CA GLU A 167 -27.83 13.14 -14.71
C GLU A 167 -26.79 12.12 -15.12
N LYS A 168 -26.94 10.87 -14.67
CA LYS A 168 -26.04 9.76 -15.01
C LYS A 168 -25.99 9.43 -16.50
N TYR A 169 -27.12 9.64 -17.24
CA TYR A 169 -27.10 9.35 -18.69
C TYR A 169 -26.18 10.31 -19.46
N MET A 170 -26.02 11.54 -18.95
CA MET A 170 -25.12 12.53 -19.55
C MET A 170 -23.66 12.09 -19.32
N MET A 171 -23.37 11.53 -18.14
CA MET A 171 -22.05 11.01 -17.79
C MET A 171 -21.72 9.86 -18.74
N ASN A 172 -22.69 8.94 -18.98
CA ASN A 172 -22.52 7.81 -19.89
C ASN A 172 -22.29 8.29 -21.32
N SER A 173 -23.03 9.34 -21.73
CA SER A 173 -22.85 9.93 -23.06
C SER A 173 -21.42 10.48 -23.21
N VAL A 174 -20.93 11.22 -22.21
CA VAL A 174 -19.58 11.80 -22.24
C VAL A 174 -18.53 10.67 -22.34
N LEU A 175 -18.76 9.60 -21.58
CA LEU A 175 -17.89 8.44 -21.51
C LEU A 175 -17.81 7.61 -22.78
N GLU A 176 -18.76 7.79 -23.73
CA GLU A 176 -18.73 7.07 -25.00
C GLU A 176 -17.43 7.33 -25.77
N ASN A 177 -16.85 8.51 -25.60
CA ASN A 177 -15.64 8.88 -26.33
C ASN A 177 -14.40 8.90 -25.47
N PHE A 178 -14.41 8.13 -24.37
CA PHE A 178 -13.31 8.09 -23.43
C PHE A 178 -12.92 6.64 -23.24
N THR A 179 -11.63 6.35 -23.46
CA THR A 179 -11.08 5.02 -23.28
C THR A 179 -9.68 5.15 -22.65
N ILE A 180 -9.21 4.07 -22.07
CA ILE A 180 -7.86 3.98 -21.53
C ILE A 180 -7.22 2.73 -22.10
N LEU A 181 -5.96 2.81 -22.55
CA LEU A 181 -5.25 1.65 -23.08
C LEU A 181 -4.00 1.43 -22.22
N GLN A 182 -3.92 0.27 -21.56
CA GLN A 182 -2.77 -0.07 -20.74
C GLN A 182 -1.98 -1.16 -21.46
N VAL A 183 -0.70 -0.94 -21.70
CA VAL A 183 0.16 -1.93 -22.37
C VAL A 183 1.35 -2.24 -21.45
N VAL A 184 1.49 -3.49 -21.05
CA VAL A 184 2.58 -3.94 -20.19
C VAL A 184 3.56 -4.72 -21.07
N THR A 185 4.84 -4.25 -21.16
CA THR A 185 5.84 -4.84 -22.05
C THR A 185 7.10 -5.38 -21.29
N ASN A 186 7.74 -6.46 -21.80
CA ASN A 186 9.01 -6.90 -21.23
C ASN A 186 10.01 -5.93 -21.85
N ARG A 187 10.60 -5.05 -21.05
CA ARG A 187 11.49 -4.04 -21.57
C ARG A 187 12.67 -4.59 -22.38
N ASP A 188 13.22 -5.77 -22.00
CA ASP A 188 14.35 -6.31 -22.75
C ASP A 188 13.96 -6.93 -24.13
N THR A 189 12.88 -7.73 -24.18
CA THR A 189 12.51 -8.40 -25.45
C THR A 189 11.45 -7.65 -26.30
N GLN A 190 10.82 -6.63 -25.71
CA GLN A 190 9.72 -5.86 -26.28
C GLN A 190 8.44 -6.69 -26.44
N GLU A 191 8.35 -7.86 -25.80
CA GLU A 191 7.15 -8.69 -25.90
C GLU A 191 5.99 -8.04 -25.15
N THR A 192 4.80 -8.06 -25.73
CA THR A 192 3.60 -7.53 -25.07
C THR A 192 3.12 -8.58 -24.10
N LEU A 193 3.22 -8.31 -22.77
CA LEU A 193 2.81 -9.22 -21.71
C LEU A 193 1.31 -9.11 -21.44
N LEU A 194 0.76 -7.90 -21.49
CA LEU A 194 -0.68 -7.68 -21.33
C LEU A 194 -1.02 -6.42 -22.06
N CYS A 195 -2.18 -6.38 -22.70
CA CYS A 195 -2.68 -5.17 -23.33
C CYS A 195 -4.14 -5.13 -22.97
N ILE A 196 -4.56 -4.12 -22.21
CA ILE A 196 -5.92 -4.02 -21.72
C ILE A 196 -6.57 -2.74 -22.16
N ALA A 197 -7.69 -2.88 -22.86
CA ALA A 197 -8.48 -1.75 -23.31
C ALA A 197 -9.58 -1.55 -22.25
N TYR A 198 -9.79 -0.31 -21.80
CA TYR A 198 -10.80 -0.02 -20.79
C TYR A 198 -11.86 0.89 -21.35
N VAL A 199 -13.11 0.52 -21.09
CA VAL A 199 -14.31 1.24 -21.46
C VAL A 199 -15.12 1.48 -20.19
N PHE A 200 -15.83 2.62 -20.10
CA PHE A 200 -16.53 2.99 -18.89
C PHE A 200 -17.98 3.44 -19.08
N GLU A 201 -18.72 3.23 -18.03
CA GLU A 201 -20.05 3.75 -17.72
C GLU A 201 -20.00 4.09 -16.22
N VAL A 202 -20.98 4.85 -15.74
CA VAL A 202 -21.07 5.16 -14.33
C VAL A 202 -22.03 4.13 -13.69
N SER A 203 -21.68 3.62 -12.51
CA SER A 203 -22.53 2.67 -11.80
C SER A 203 -23.82 3.37 -11.34
N ALA A 204 -24.98 2.72 -11.51
CA ALA A 204 -26.27 3.29 -11.10
C ALA A 204 -26.63 2.95 -9.64
N GLY A 208 -22.63 -0.17 -6.15
CA GLY A 208 -21.18 -0.13 -6.08
C GLY A 208 -20.53 -0.29 -7.44
N ALA A 209 -19.19 -0.21 -7.50
CA ALA A 209 -18.44 -0.35 -8.75
C ALA A 209 -18.50 -1.79 -9.21
N GLN A 210 -18.63 -1.99 -10.52
CA GLN A 210 -18.70 -3.32 -11.11
C GLN A 210 -17.86 -3.41 -12.38
N HIS A 211 -17.58 -4.63 -12.85
CA HIS A 211 -16.84 -4.82 -14.11
C HIS A 211 -17.18 -6.16 -14.79
N HIS A 212 -16.83 -6.28 -16.06
CA HIS A 212 -16.87 -7.52 -16.83
C HIS A 212 -15.56 -7.54 -17.59
N ILE A 213 -14.91 -8.69 -17.67
CA ILE A 213 -13.65 -8.83 -18.40
C ILE A 213 -13.92 -9.69 -19.62
N TYR A 214 -13.33 -9.32 -20.77
CA TYR A 214 -13.51 -10.03 -22.04
C TYR A 214 -12.14 -10.31 -22.67
N ARG A 215 -12.06 -11.40 -23.42
CA ARG A 215 -10.85 -11.67 -24.17
C ARG A 215 -11.02 -10.99 -25.55
N LEU A 216 -9.99 -10.28 -26.05
CA LEU A 216 -10.08 -9.68 -27.37
C LEU A 216 -9.56 -10.72 -28.38
N VAL A 217 -10.36 -11.01 -29.41
CA VAL A 217 -10.03 -11.99 -30.44
C VAL A 217 -10.12 -11.35 -31.84
N LYS A 218 -9.47 -11.98 -32.81
CA LYS A 218 -9.35 -11.47 -34.15
C LYS A 218 -10.63 -11.49 -34.95
N GLU A 219 -11.64 -12.31 -34.58
CA GLU A 219 -12.92 -12.36 -35.31
C GLU A 219 -14.06 -12.64 -34.33
N GLY B 1 15.57 12.07 5.50
CA GLY B 1 14.67 11.29 6.35
C GLY B 1 15.31 10.04 6.90
N ARG B 2 16.65 9.90 6.83
CA ARG B 2 17.36 8.73 7.39
C ARG B 2 17.39 8.82 8.94
N SER B 3 16.43 8.21 9.62
CA SER B 3 16.41 8.23 11.08
C SER B 3 16.70 6.83 11.59
N VAL B 4 15.74 5.91 11.43
CA VAL B 4 15.92 4.54 11.86
C VAL B 4 16.65 3.89 10.71
N ALA B 5 17.97 4.00 10.73
CA ALA B 5 18.79 3.48 9.63
C ALA B 5 20.16 3.09 10.13
N SER B 6 20.57 1.88 9.76
CA SER B 6 21.92 1.42 10.06
C SER B 6 22.78 1.73 8.79
N SER B 7 23.97 1.11 8.64
CA SER B 7 24.74 1.32 7.40
C SER B 7 24.20 0.40 6.27
N LYS B 8 23.33 -0.59 6.58
CA LYS B 8 22.83 -1.52 5.58
C LYS B 8 21.34 -1.51 5.38
N LEU B 9 20.56 -0.89 6.28
CA LEU B 9 19.11 -0.91 6.15
C LEU B 9 18.47 0.32 6.75
N TRP B 10 17.51 0.90 6.04
CA TRP B 10 16.82 2.09 6.52
C TRP B 10 15.31 1.75 6.55
N MET B 11 14.65 1.93 7.70
CA MET B 11 13.23 1.75 7.80
C MET B 11 12.64 3.09 7.43
N LEU B 12 12.01 3.16 6.24
CA LEU B 12 11.41 4.39 5.72
C LEU B 12 10.05 4.64 6.34
N GLU B 13 9.29 3.56 6.59
CA GLU B 13 7.93 3.67 7.07
C GLU B 13 7.59 2.54 7.99
N PHE B 14 6.76 2.83 8.98
CA PHE B 14 6.25 1.87 9.94
C PHE B 14 4.92 2.45 10.39
N SER B 15 3.84 1.68 10.30
CA SER B 15 2.55 2.12 10.80
C SER B 15 1.73 0.94 11.27
N ALA B 16 0.92 1.16 12.28
CA ALA B 16 0.00 0.14 12.78
C ALA B 16 -1.38 0.79 12.72
N PHE B 17 -2.36 0.06 12.20
CA PHE B 17 -3.67 0.65 11.95
C PHE B 17 -4.85 -0.27 12.15
N LEU B 18 -6.03 0.34 12.18
CA LEU B 18 -7.31 -0.34 12.19
C LEU B 18 -8.07 0.18 10.95
N GLU B 19 -8.40 -0.71 10.03
CA GLU B 19 -9.14 -0.36 8.84
C GLU B 19 -10.52 -0.98 8.92
N GLN B 20 -11.56 -0.16 8.76
CA GLN B 20 -12.95 -0.63 8.76
C GLN B 20 -13.55 -0.50 7.33
N GLN B 21 -14.17 -1.56 6.84
CA GLN B 21 -14.84 -1.55 5.54
C GLN B 21 -16.31 -1.17 5.75
N GLN B 22 -16.77 0.03 5.31
CA GLN B 22 -18.20 0.40 5.42
C GLN B 22 -19.02 -0.42 4.39
N ASP B 23 -18.51 -0.50 3.15
CA ASP B 23 -19.10 -1.20 2.00
C ASP B 23 -17.96 -1.62 1.04
N PRO B 24 -18.20 -2.38 -0.05
CA PRO B 24 -17.07 -2.78 -0.92
C PRO B 24 -16.21 -1.64 -1.48
N ASP B 25 -16.73 -0.40 -1.49
CA ASP B 25 -15.97 0.72 -2.05
C ASP B 25 -15.55 1.78 -1.05
N THR B 26 -15.80 1.58 0.23
CA THR B 26 -15.51 2.59 1.23
C THR B 26 -14.79 2.00 2.42
N TYR B 27 -13.61 2.55 2.73
CA TYR B 27 -12.78 2.10 3.86
C TYR B 27 -12.36 3.27 4.70
N ASN B 28 -12.34 3.09 6.01
CA ASN B 28 -11.88 4.13 6.94
C ASN B 28 -10.69 3.53 7.67
N LYS B 29 -9.56 4.25 7.69
CA LYS B 29 -8.36 3.76 8.33
C LYS B 29 -7.93 4.71 9.45
N HIS B 30 -7.66 4.14 10.62
CA HIS B 30 -7.18 4.90 11.76
C HIS B 30 -5.72 4.44 12.01
N LEU B 31 -4.79 5.38 12.18
CA LEU B 31 -3.41 5.02 12.52
C LEU B 31 -3.19 5.09 14.05
N PHE B 32 -2.73 3.97 14.65
CA PHE B 32 -2.40 3.93 16.08
C PHE B 32 -1.05 4.61 16.27
N VAL B 33 -0.06 4.25 15.41
CA VAL B 33 1.29 4.84 15.42
C VAL B 33 1.77 4.98 13.96
N HIS B 34 2.66 5.95 13.69
CA HIS B 34 3.16 6.13 12.33
C HIS B 34 4.50 6.85 12.25
N ILE B 35 5.45 6.22 11.62
CA ILE B 35 6.76 6.76 11.29
C ILE B 35 6.78 6.75 9.75
N GLY B 36 7.07 7.87 9.12
CA GLY B 36 7.08 7.94 7.66
C GLY B 36 7.90 9.06 7.08
N GLN B 37 7.88 9.18 5.73
CA GLN B 37 8.61 10.22 5.00
C GLN B 37 7.72 11.40 4.54
N TYR B 42 10.41 16.94 5.94
CA TYR B 42 10.63 18.32 6.34
C TYR B 42 12.07 18.55 6.93
N SER B 43 12.27 18.31 8.24
CA SER B 43 13.53 18.54 8.96
C SER B 43 13.80 17.36 9.91
N ASP B 44 14.93 16.65 9.72
CA ASP B 44 15.23 15.52 10.59
C ASP B 44 15.78 16.02 11.93
N PRO B 45 15.09 15.73 13.04
CA PRO B 45 15.64 16.15 14.33
C PRO B 45 16.86 15.28 14.65
N TYR B 46 17.77 15.87 15.41
CA TYR B 46 18.95 15.19 15.90
C TYR B 46 18.48 14.04 16.79
N LEU B 47 19.06 12.85 16.61
CA LEU B 47 18.66 11.72 17.45
C LEU B 47 19.51 11.71 18.71
N GLU B 48 18.88 11.96 19.86
CA GLU B 48 19.56 11.92 21.17
C GLU B 48 19.91 10.47 21.50
N ALA B 49 21.01 10.25 22.24
CA ALA B 49 21.41 8.89 22.61
C ALA B 49 20.75 8.45 23.94
N VAL B 50 20.50 7.16 24.06
CA VAL B 50 20.01 6.57 25.29
C VAL B 50 20.97 5.42 25.65
N ASP B 51 21.43 5.37 26.91
CA ASP B 51 22.30 4.28 27.39
C ASP B 51 21.41 3.04 27.43
N ILE B 52 21.75 2.05 26.58
CA ILE B 52 20.97 0.82 26.46
C ILE B 52 20.86 0.05 27.79
N ARG B 53 21.84 0.21 28.70
CA ARG B 53 21.77 -0.46 30.00
C ARG B 53 20.55 0.02 30.81
N GLN B 54 19.99 1.23 30.49
CA GLN B 54 18.78 1.74 31.14
C GLN B 54 17.52 0.98 30.74
N ILE B 55 17.56 0.12 29.69
CA ILE B 55 16.37 -0.59 29.25
C ILE B 55 16.53 -2.10 29.23
N TYR B 56 17.71 -2.65 29.58
CA TYR B 56 17.93 -4.11 29.54
C TYR B 56 16.88 -4.94 30.28
N ASP B 57 16.43 -4.48 31.44
CA ASP B 57 15.45 -5.23 32.23
C ASP B 57 14.04 -5.25 31.63
N LYS B 58 13.78 -4.44 30.59
CA LYS B 58 12.47 -4.40 29.94
C LYS B 58 12.33 -5.28 28.69
N PHE B 59 13.40 -5.99 28.34
CA PHE B 59 13.47 -6.85 27.14
C PHE B 59 14.08 -8.19 27.51
N PRO B 60 13.87 -9.25 26.69
CA PRO B 60 14.45 -10.56 27.04
C PRO B 60 15.98 -10.50 27.09
N GLU B 61 16.59 -11.18 28.07
CA GLU B 61 18.03 -11.15 28.29
C GLU B 61 18.70 -12.52 28.33
N LYS B 62 18.00 -13.56 27.87
CA LYS B 62 18.58 -14.89 27.78
C LYS B 62 19.62 -14.87 26.61
N LYS B 63 20.07 -16.05 26.11
CA LYS B 63 20.96 -16.09 24.94
C LYS B 63 20.19 -15.52 23.74
N GLY B 64 20.81 -14.62 22.99
CA GLY B 64 20.15 -13.98 21.86
C GLY B 64 19.26 -12.80 22.23
N GLY B 65 19.28 -12.40 23.51
CA GLY B 65 18.52 -11.26 24.00
C GLY B 65 19.15 -9.92 23.63
N LEU B 66 18.56 -8.81 24.09
CA LEU B 66 19.00 -7.46 23.72
C LEU B 66 20.48 -7.14 23.99
N LYS B 67 20.98 -7.47 25.20
CA LYS B 67 22.39 -7.25 25.58
C LYS B 67 23.35 -8.03 24.67
N ASP B 68 23.07 -9.32 24.42
N ASP B 68 23.04 -9.31 24.41
CA ASP B 68 23.90 -10.13 23.53
CA ASP B 68 23.82 -10.17 23.54
C ASP B 68 23.90 -9.57 22.10
C ASP B 68 23.87 -9.63 22.10
N LEU B 69 22.73 -9.13 21.61
CA LEU B 69 22.61 -8.57 20.28
C LEU B 69 23.40 -7.27 20.19
N PHE B 70 23.26 -6.40 21.20
CA PHE B 70 23.97 -5.15 21.19
C PHE B 70 25.49 -5.32 21.23
N GLU B 71 25.95 -6.26 22.07
CA GLU B 71 27.39 -6.53 22.19
C GLU B 71 27.95 -7.11 20.90
N ARG B 72 27.17 -7.93 20.19
CA ARG B 72 27.57 -8.44 18.88
C ARG B 72 27.64 -7.29 17.85
N GLY B 73 26.76 -6.31 17.98
CA GLY B 73 26.76 -5.16 17.09
C GLY B 73 26.17 -5.40 15.70
N PRO B 74 26.33 -4.47 14.75
CA PRO B 74 26.99 -3.14 14.88
C PRO B 74 26.15 -2.21 15.75
N SER B 75 26.83 -1.37 16.56
CA SER B 75 26.14 -0.46 17.46
C SER B 75 25.25 0.57 16.71
N ASN B 76 25.55 0.90 15.43
CA ASN B 76 24.74 1.85 14.68
C ASN B 76 23.39 1.27 14.16
N ALA B 77 23.07 0.02 14.50
CA ALA B 77 21.83 -0.62 14.07
C ALA B 77 20.74 -0.59 15.16
N PHE B 78 21.04 -0.04 16.37
CA PHE B 78 20.15 -0.07 17.54
C PHE B 78 19.44 1.24 17.86
N PHE B 79 18.12 1.16 17.98
CA PHE B 79 17.30 2.32 18.18
C PHE B 79 16.24 2.08 19.22
N LEU B 80 15.80 3.16 19.86
CA LEU B 80 14.72 3.10 20.84
C LEU B 80 13.69 4.10 20.36
N VAL B 81 12.45 3.65 20.20
CA VAL B 81 11.37 4.51 19.76
C VAL B 81 10.35 4.64 20.90
N LYS B 82 10.03 5.87 21.28
CA LYS B 82 8.99 6.09 22.29
C LYS B 82 7.77 6.53 21.46
N PHE B 83 6.64 5.82 21.58
CA PHE B 83 5.42 6.19 20.90
C PHE B 83 4.39 6.66 21.89
N TRP B 84 3.57 7.63 21.48
CA TRP B 84 2.36 8.10 22.15
C TRP B 84 1.29 7.66 21.13
N ALA B 85 0.66 6.51 21.39
CA ALA B 85 -0.27 5.90 20.46
C ALA B 85 -1.66 6.54 20.49
N ASP B 86 -2.30 6.64 19.32
CA ASP B 86 -3.64 7.21 19.24
C ASP B 86 -4.65 6.08 19.35
N LEU B 87 -5.33 5.97 20.50
CA LEU B 87 -6.35 4.95 20.69
C LEU B 87 -7.79 5.46 20.46
N ASN B 88 -7.97 6.70 20.00
CA ASN B 88 -9.30 7.27 19.76
C ASN B 88 -9.92 6.68 18.46
N THR B 89 -10.54 5.48 18.56
CA THR B 89 -11.17 4.79 17.41
C THR B 89 -12.61 4.30 17.76
N ASN B 90 -13.34 3.72 16.78
CA ASN B 90 -14.66 3.14 17.06
C ASN B 90 -14.46 1.65 17.36
N SER B 96 -16.06 -6.56 9.90
CA SER B 96 -15.49 -5.71 8.85
C SER B 96 -14.23 -4.94 9.26
N SER B 97 -13.59 -5.33 10.38
CA SER B 97 -12.37 -4.68 10.89
C SER B 97 -11.10 -5.46 10.55
N PHE B 98 -9.99 -4.75 10.30
CA PHE B 98 -8.69 -5.36 10.05
C PHE B 98 -7.63 -4.57 10.80
N TYR B 99 -6.91 -5.22 11.73
CA TYR B 99 -5.82 -4.60 12.47
C TYR B 99 -4.53 -5.06 11.81
N GLY B 100 -3.74 -4.11 11.33
CA GLY B 100 -2.53 -4.46 10.62
C GLY B 100 -1.33 -3.59 10.89
N VAL B 101 -0.17 -4.05 10.41
CA VAL B 101 1.10 -3.34 10.52
C VAL B 101 1.72 -3.32 9.14
N SER B 102 2.17 -2.17 8.71
CA SER B 102 2.86 -2.06 7.43
C SER B 102 4.22 -1.39 7.69
N SER B 103 5.23 -1.78 6.92
CA SER B 103 6.56 -1.20 7.04
C SER B 103 7.32 -1.33 5.73
N GLN B 104 8.26 -0.44 5.51
CA GLN B 104 9.04 -0.43 4.28
C GLN B 104 10.49 -0.16 4.62
N TYR B 105 11.39 -0.87 3.97
CA TYR B 105 12.83 -0.75 4.20
C TYR B 105 13.56 -0.57 2.87
N GLU B 106 14.76 -0.06 2.93
CA GLU B 106 15.57 0.12 1.72
C GLU B 106 16.99 -0.19 2.11
N SER B 107 17.73 -0.78 1.17
CA SER B 107 19.12 -1.13 1.34
C SER B 107 19.87 -1.01 0.04
N PRO B 108 21.18 -0.68 0.09
CA PRO B 108 21.98 -0.74 -1.15
C PRO B 108 22.22 -2.19 -1.61
N GLU B 109 22.01 -3.18 -0.73
CA GLU B 109 22.24 -4.60 -0.96
C GLU B 109 20.98 -5.42 -1.17
N ASN B 110 21.14 -6.46 -1.97
CA ASN B 110 20.11 -7.42 -2.28
C ASN B 110 20.29 -8.55 -1.30
N MET B 111 19.36 -8.68 -0.38
CA MET B 111 19.43 -9.67 0.69
C MET B 111 18.08 -10.33 0.90
N ILE B 112 18.08 -11.46 1.59
CA ILE B 112 16.83 -12.06 2.05
C ILE B 112 16.86 -11.63 3.56
N ILE B 113 15.84 -10.93 4.02
CA ILE B 113 15.80 -10.45 5.38
C ILE B 113 14.74 -11.14 6.19
N THR B 114 14.98 -11.28 7.49
CA THR B 114 14.02 -11.85 8.41
C THR B 114 13.67 -10.73 9.40
N CYS B 115 12.39 -10.45 9.60
CA CYS B 115 11.99 -9.48 10.60
C CYS B 115 11.28 -10.22 11.70
N SER B 116 11.86 -10.21 12.89
CA SER B 116 11.28 -10.83 14.05
C SER B 116 10.70 -9.75 14.96
N THR B 117 9.44 -9.86 15.35
CA THR B 117 8.83 -8.92 16.28
C THR B 117 8.43 -9.66 17.57
N LYS B 118 9.01 -9.28 18.70
CA LYS B 118 8.72 -9.89 19.98
C LYS B 118 7.88 -8.95 20.84
N VAL B 119 6.67 -9.38 21.18
CA VAL B 119 5.79 -8.61 22.05
C VAL B 119 6.15 -9.07 23.48
N CYS B 120 6.53 -8.13 24.36
CA CYS B 120 6.99 -8.47 25.70
C CYS B 120 6.15 -7.91 26.83
N SER B 121 6.04 -8.70 27.90
CA SER B 121 5.30 -8.36 29.09
C SER B 121 6.25 -8.60 30.29
N PHE B 122 6.53 -7.53 31.07
CA PHE B 122 7.48 -7.58 32.19
C PHE B 122 8.87 -8.03 31.72
N GLY B 123 9.24 -7.67 30.47
CA GLY B 123 10.53 -8.03 29.88
C GLY B 123 10.61 -9.44 29.32
N LYS B 124 9.48 -10.18 29.30
CA LYS B 124 9.47 -11.54 28.78
C LYS B 124 8.64 -11.65 27.53
N GLN B 125 9.12 -12.40 26.55
CA GLN B 125 8.43 -12.61 25.30
C GLN B 125 7.11 -13.36 25.52
N VAL B 126 5.99 -12.82 24.99
CA VAL B 126 4.70 -13.50 25.06
C VAL B 126 4.29 -13.96 23.64
N VAL B 127 4.59 -13.15 22.61
CA VAL B 127 4.31 -13.49 21.20
C VAL B 127 5.53 -13.14 20.36
N GLU B 128 5.86 -13.96 19.37
CA GLU B 128 6.90 -13.61 18.41
C GLU B 128 6.33 -13.80 17.02
N LYS B 129 6.46 -12.79 16.15
CA LYS B 129 6.02 -12.86 14.76
C LYS B 129 7.29 -12.83 13.90
N VAL B 130 7.43 -13.77 12.95
CA VAL B 130 8.61 -13.87 12.10
C VAL B 130 8.17 -13.81 10.64
N GLU B 131 8.74 -12.87 9.88
CA GLU B 131 8.39 -12.64 8.50
C GLU B 131 9.66 -12.59 7.69
N THR B 132 9.63 -13.24 6.55
CA THR B 132 10.76 -13.27 5.65
C THR B 132 10.41 -12.39 4.46
N GLU B 133 11.34 -11.49 4.07
CA GLU B 133 11.13 -10.57 2.98
C GLU B 133 12.22 -10.57 1.93
N TYR B 134 11.82 -10.50 0.65
CA TYR B 134 12.72 -10.49 -0.52
C TYR B 134 12.83 -9.09 -1.12
N ALA B 135 13.97 -8.82 -1.76
CA ALA B 135 14.25 -7.51 -2.31
C ALA B 135 13.57 -7.31 -3.67
N ARG B 136 13.27 -6.04 -3.96
CA ARG B 136 12.79 -5.59 -5.25
C ARG B 136 13.73 -4.46 -5.65
N TYR B 137 14.37 -4.53 -6.81
CA TYR B 137 15.24 -3.45 -7.26
C TYR B 137 14.37 -2.24 -7.56
N GLU B 138 14.82 -1.06 -7.16
CA GLU B 138 14.10 0.16 -7.49
C GLU B 138 15.02 1.34 -7.41
N ASN B 139 15.17 2.10 -8.52
CA ASN B 139 16.00 3.29 -8.54
C ASN B 139 17.42 3.10 -7.94
N GLY B 140 18.19 2.09 -8.37
CA GLY B 140 19.54 1.89 -7.85
C GLY B 140 19.70 1.26 -6.47
N HIS B 141 18.61 1.04 -5.77
CA HIS B 141 18.63 0.41 -4.45
C HIS B 141 17.63 -0.78 -4.40
N TYR B 142 17.54 -1.43 -3.25
CA TYR B 142 16.62 -2.52 -3.01
C TYR B 142 15.60 -2.16 -2.00
N SER B 143 14.36 -2.48 -2.29
CA SER B 143 13.24 -2.18 -1.45
C SER B 143 12.66 -3.44 -0.82
N TYR B 144 12.21 -3.36 0.43
CA TYR B 144 11.60 -4.50 1.13
C TYR B 144 10.30 -3.97 1.73
N ARG B 145 9.23 -4.74 1.64
CA ARG B 145 7.95 -4.29 2.14
C ARG B 145 7.20 -5.37 2.89
N ILE B 146 6.66 -5.01 4.05
CA ILE B 146 5.81 -5.87 4.84
C ILE B 146 4.50 -5.12 4.74
N HIS B 147 3.59 -5.59 3.92
CA HIS B 147 2.33 -4.87 3.69
C HIS B 147 1.16 -5.56 4.36
N ARG B 148 0.43 -4.82 5.23
CA ARG B 148 -0.76 -5.33 5.89
C ARG B 148 -0.55 -6.64 6.63
N SER B 149 0.53 -6.74 7.39
CA SER B 149 0.82 -7.91 8.21
C SER B 149 -0.23 -7.90 9.35
N PRO B 150 -0.95 -9.01 9.58
CA PRO B 150 -2.01 -9.00 10.61
C PRO B 150 -1.51 -8.82 12.03
N LEU B 151 -2.23 -8.02 12.81
CA LEU B 151 -1.91 -7.84 14.22
C LEU B 151 -2.34 -9.13 14.91
N CYS B 152 -1.50 -9.67 15.82
CA CYS B 152 -1.84 -10.91 16.52
C CYS B 152 -3.01 -10.68 17.50
N GLU B 153 -3.69 -11.76 17.91
CA GLU B 153 -4.82 -11.65 18.83
C GLU B 153 -4.44 -11.02 20.15
N TYR B 154 -3.23 -11.30 20.66
CA TYR B 154 -2.78 -10.72 21.93
C TYR B 154 -2.82 -9.19 21.86
N MET B 155 -2.30 -8.63 20.75
CA MET B 155 -2.26 -7.17 20.56
C MET B 155 -3.65 -6.56 20.36
N ILE B 156 -4.50 -7.25 19.61
CA ILE B 156 -5.88 -6.79 19.40
C ILE B 156 -6.65 -6.76 20.71
N ASN B 157 -6.53 -7.83 21.52
CA ASN B 157 -7.24 -7.87 22.81
C ASN B 157 -6.62 -6.89 23.82
N PHE B 158 -5.31 -6.62 23.72
CA PHE B 158 -4.62 -5.66 24.56
C PHE B 158 -5.14 -4.25 24.26
N ILE B 159 -5.29 -3.88 22.97
CA ILE B 159 -5.82 -2.58 22.56
C ILE B 159 -7.25 -2.41 23.12
N HIS B 160 -8.07 -3.48 23.01
CA HIS B 160 -9.44 -3.45 23.52
C HIS B 160 -9.45 -3.25 25.04
N LYS B 161 -8.63 -4.01 25.79
CA LYS B 161 -8.59 -3.87 27.24
C LYS B 161 -8.11 -2.48 27.70
N LEU B 162 -7.12 -1.88 27.00
CA LEU B 162 -6.63 -0.56 27.35
C LEU B 162 -7.74 0.49 27.20
N LYS B 163 -8.50 0.40 26.10
CA LYS B 163 -9.58 1.32 25.78
C LYS B 163 -10.73 1.28 26.78
N HIS B 164 -10.94 0.12 27.44
CA HIS B 164 -11.98 -0.05 28.45
C HIS B 164 -11.59 0.56 29.82
N LEU B 165 -10.31 0.98 30.00
CA LEU B 165 -9.90 1.62 31.27
C LEU B 165 -10.49 3.03 31.27
N PRO B 166 -10.98 3.48 32.43
CA PRO B 166 -11.65 4.78 32.47
C PRO B 166 -10.75 6.01 32.41
N GLU B 167 -9.43 5.84 32.61
CA GLU B 167 -8.52 6.98 32.57
C GLU B 167 -7.23 6.67 31.82
N LYS B 168 -6.70 7.66 31.10
CA LYS B 168 -5.45 7.52 30.34
C LYS B 168 -4.24 7.24 31.23
N TYR B 169 -4.22 7.75 32.48
CA TYR B 169 -3.07 7.48 33.37
C TYR B 169 -2.97 6.00 33.78
N MET B 170 -4.12 5.30 33.81
CA MET B 170 -4.15 3.88 34.11
C MET B 170 -3.57 3.09 32.91
N MET B 171 -3.87 3.54 31.68
CA MET B 171 -3.35 2.94 30.45
C MET B 171 -1.83 3.10 30.45
N ASN B 172 -1.31 4.30 30.82
CA ASN B 172 0.12 4.57 30.88
C ASN B 172 0.79 3.70 31.95
N SER B 173 0.11 3.51 33.08
CA SER B 173 0.62 2.64 34.14
C SER B 173 0.74 1.20 33.64
N VAL B 174 -0.29 0.67 32.94
CA VAL B 174 -0.29 -0.69 32.42
C VAL B 174 0.86 -0.83 31.38
N LEU B 175 1.02 0.19 30.52
CA LEU B 175 2.05 0.27 29.47
C LEU B 175 3.49 0.31 30.02
N GLU B 176 3.71 0.60 31.31
CA GLU B 176 5.06 0.60 31.89
C GLU B 176 5.75 -0.76 31.77
N ASN B 177 4.98 -1.83 31.77
CA ASN B 177 5.51 -3.18 31.68
C ASN B 177 5.28 -3.84 30.31
N PHE B 178 4.99 -3.05 29.28
CA PHE B 178 4.74 -3.55 27.95
C PHE B 178 5.80 -2.99 27.01
N THR B 179 6.44 -3.86 26.21
CA THR B 179 7.45 -3.41 25.25
C THR B 179 7.37 -4.28 24.00
N ILE B 180 7.96 -3.81 22.90
CA ILE B 180 8.04 -4.57 21.67
C ILE B 180 9.49 -4.50 21.18
N LEU B 181 10.08 -5.63 20.78
CA LEU B 181 11.45 -5.64 20.26
C LEU B 181 11.40 -6.17 18.81
N GLN B 182 11.82 -5.35 17.85
CA GLN B 182 11.84 -5.75 16.46
C GLN B 182 13.29 -5.92 16.05
N VAL B 183 13.66 -7.08 15.50
CA VAL B 183 15.02 -7.34 15.05
C VAL B 183 14.97 -7.75 13.57
N VAL B 184 15.67 -7.01 12.71
CA VAL B 184 15.72 -7.30 11.29
C VAL B 184 17.11 -7.82 11.00
N THR B 185 17.22 -9.03 10.45
CA THR B 185 18.54 -9.60 10.17
C THR B 185 18.67 -10.06 8.73
N ASN B 186 19.91 -10.15 8.24
CA ASN B 186 20.17 -10.71 6.93
C ASN B 186 20.06 -12.23 7.18
N ARG B 187 19.10 -12.91 6.56
CA ARG B 187 18.89 -14.34 6.78
C ARG B 187 20.10 -15.19 6.44
N ASP B 188 20.89 -14.78 5.47
CA ASP B 188 22.03 -15.55 5.01
C ASP B 188 23.31 -15.34 5.81
N THR B 189 23.42 -14.24 6.53
CA THR B 189 24.64 -13.97 7.31
C THR B 189 24.41 -13.82 8.83
N GLN B 190 23.15 -13.68 9.24
CA GLN B 190 22.74 -13.41 10.61
C GLN B 190 23.14 -12.01 11.09
N GLU B 191 23.62 -11.12 10.20
CA GLU B 191 23.98 -9.77 10.60
C GLU B 191 22.75 -9.00 11.05
N THR B 192 22.83 -8.27 12.19
CA THR B 192 21.73 -7.44 12.67
C THR B 192 21.70 -6.18 11.82
N LEU B 193 20.66 -6.03 10.97
CA LEU B 193 20.52 -4.86 10.10
C LEU B 193 19.85 -3.72 10.87
N LEU B 194 18.87 -4.03 11.72
CA LEU B 194 18.20 -3.01 12.55
C LEU B 194 17.66 -3.74 13.77
N CYS B 195 17.74 -3.09 14.93
CA CYS B 195 17.15 -3.63 16.15
C CYS B 195 16.48 -2.45 16.80
N ILE B 196 15.15 -2.49 16.92
CA ILE B 196 14.38 -1.39 17.45
C ILE B 196 13.58 -1.80 18.65
N ALA B 197 13.81 -1.12 19.78
CA ALA B 197 13.08 -1.34 21.01
C ALA B 197 11.94 -0.29 21.03
N TYR B 198 10.71 -0.71 21.32
CA TYR B 198 9.57 0.18 21.35
C TYR B 198 8.97 0.26 22.74
N VAL B 199 8.72 1.48 23.19
CA VAL B 199 8.11 1.81 24.47
C VAL B 199 6.90 2.70 24.19
N PHE B 200 5.84 2.57 24.99
CA PHE B 200 4.60 3.27 24.71
C PHE B 200 3.96 4.01 25.88
N GLU B 201 3.23 5.04 25.52
CA GLU B 201 2.28 5.80 26.30
C GLU B 201 1.08 6.05 25.35
N VAL B 202 -0.06 6.46 25.90
CA VAL B 202 -1.21 6.79 25.08
C VAL B 202 -1.17 8.31 24.83
N SER B 203 -1.47 8.74 23.60
CA SER B 203 -1.50 10.15 23.26
C SER B 203 -2.67 10.84 23.99
N ALA B 204 -2.45 12.02 24.60
CA ALA B 204 -3.47 12.74 25.34
C ALA B 204 -4.29 13.65 24.46
N GLY B 208 -3.03 13.76 18.27
CA GLY B 208 -2.73 12.65 17.36
C GLY B 208 -1.56 11.81 17.87
N ALA B 209 -1.20 10.75 17.13
CA ALA B 209 -0.09 9.88 17.50
C ALA B 209 1.22 10.63 17.32
N GLN B 210 2.16 10.42 18.22
CA GLN B 210 3.47 11.07 18.16
C GLN B 210 4.59 10.10 18.53
N HIS B 211 5.84 10.46 18.20
CA HIS B 211 6.99 9.63 18.56
C HIS B 211 8.28 10.45 18.70
N HIS B 212 9.28 9.86 19.36
CA HIS B 212 10.64 10.37 19.44
C HIS B 212 11.51 9.15 19.15
N ILE B 213 12.58 9.35 18.38
CA ILE B 213 13.48 8.24 18.06
C ILE B 213 14.82 8.53 18.74
N TYR B 214 15.46 7.51 19.31
CA TYR B 214 16.74 7.62 20.00
C TYR B 214 17.72 6.59 19.48
N ARG B 215 19.00 6.91 19.51
CA ARG B 215 20.04 5.94 19.17
C ARG B 215 20.40 5.22 20.51
N LEU B 216 20.49 3.89 20.51
CA LEU B 216 20.89 3.17 21.71
C LEU B 216 22.42 3.07 21.71
N VAL B 217 23.06 3.45 22.84
CA VAL B 217 24.53 3.46 22.95
C VAL B 217 24.99 2.70 24.23
N LYS B 218 26.26 2.28 24.25
CA LYS B 218 26.77 1.48 25.37
C LYS B 218 26.95 2.30 26.61
N GLN C 5 7.74 7.69 -12.35
CA GLN C 5 6.56 7.85 -13.21
C GLN C 5 6.75 8.98 -14.22
N ILE C 6 6.88 8.65 -15.52
CA ILE C 6 7.06 9.66 -16.57
C ILE C 6 5.71 9.97 -17.21
N VAL C 7 5.28 11.24 -17.19
CA VAL C 7 3.99 11.61 -17.76
C VAL C 7 4.13 12.52 -18.97
N HIS C 8 3.56 12.13 -20.12
CA HIS C 8 3.58 12.90 -21.36
C HIS C 8 2.17 13.47 -21.58
N VAL C 9 2.01 14.80 -21.42
CA VAL C 9 0.71 15.47 -21.56
C VAL C 9 0.68 16.24 -22.86
N ARG C 10 -0.42 16.13 -23.61
CA ARG C 10 -0.59 16.87 -24.87
C ARG C 10 -0.78 18.35 -24.56
N GLY C 11 -0.19 19.20 -25.39
CA GLY C 11 -0.21 20.66 -25.21
C GLY C 11 -1.57 21.33 -25.10
N ASP C 12 -2.66 20.64 -25.48
CA ASP C 12 -4.01 21.20 -25.42
C ASP C 12 -4.95 20.37 -24.52
N SER C 13 -4.40 19.70 -23.48
CA SER C 13 -5.20 18.85 -22.58
C SER C 13 -6.39 19.55 -21.88
N GLU C 14 -6.28 20.86 -21.55
CA GLU C 14 -7.38 21.56 -20.89
C GLU C 14 -8.58 21.72 -21.82
N THR C 15 -8.36 22.29 -23.01
CA THR C 15 -9.45 22.46 -23.99
C THR C 15 -9.92 21.09 -24.54
N ASP C 16 -9.01 20.08 -24.58
CA ASP C 16 -9.36 18.72 -24.99
C ASP C 16 -10.35 18.11 -24.00
N LEU C 17 -10.15 18.35 -22.71
CA LEU C 17 -11.04 17.82 -21.68
C LEU C 17 -12.42 18.46 -21.82
N GLU C 18 -12.45 19.78 -22.05
N GLU C 18 -12.45 19.78 -22.05
CA GLU C 18 -13.69 20.53 -22.24
CA GLU C 18 -13.73 20.48 -22.24
C GLU C 18 -14.44 20.08 -23.51
C GLU C 18 -14.45 19.98 -23.49
N ALA C 19 -13.71 19.63 -24.55
CA ALA C 19 -14.31 19.13 -25.78
C ALA C 19 -15.09 17.81 -25.58
N LEU C 20 -14.69 16.98 -24.59
CA LEU C 20 -15.43 15.74 -24.26
C LEU C 20 -16.85 16.11 -23.78
N PHE C 21 -16.95 17.20 -22.98
CA PHE C 21 -18.18 17.67 -22.38
C PHE C 21 -19.00 18.57 -23.28
N ASN C 22 -18.38 19.25 -24.25
CA ASN C 22 -19.11 20.17 -25.13
C ASN C 22 -20.28 19.51 -25.85
N ALA C 23 -20.11 18.23 -26.23
CA ALA C 23 -21.15 17.47 -26.92
C ALA C 23 -22.42 17.19 -26.07
N VAL C 24 -22.32 17.37 -24.74
CA VAL C 24 -23.43 17.11 -23.82
C VAL C 24 -23.93 18.40 -23.13
N MET C 25 -23.07 19.42 -23.03
CA MET C 25 -23.48 20.71 -22.42
C MET C 25 -24.30 21.57 -23.39
N ASN C 26 -24.20 21.31 -24.71
CA ASN C 26 -24.93 22.03 -25.75
C ASN C 26 -25.65 21.02 -26.65
N PRO C 27 -26.82 20.51 -26.22
CA PRO C 27 -27.53 19.52 -27.02
C PRO C 27 -28.55 20.17 -27.96
N VAL C 36 -20.60 4.87 -34.86
CA VAL C 36 -21.61 3.97 -34.28
C VAL C 36 -21.48 3.88 -32.75
N PRO C 37 -22.57 4.15 -32.01
CA PRO C 37 -22.51 4.05 -30.55
C PRO C 37 -22.20 2.61 -30.10
N MET C 38 -21.55 2.44 -28.94
CA MET C 38 -21.23 1.09 -28.43
C MET C 38 -22.42 0.20 -28.34
N ARG C 39 -23.56 0.73 -27.91
CA ARG C 39 -24.80 -0.02 -27.77
C ARG C 39 -25.28 -0.67 -29.06
N LEU C 40 -24.80 -0.19 -30.21
CA LEU C 40 -25.18 -0.72 -31.52
C LEU C 40 -24.10 -1.60 -32.16
N ARG C 41 -22.97 -1.80 -31.48
CA ARG C 41 -21.89 -2.63 -32.01
C ARG C 41 -22.09 -4.11 -31.66
N LYS C 42 -21.27 -4.99 -32.24
CA LYS C 42 -21.38 -6.42 -31.97
C LYS C 42 -20.64 -6.71 -30.68
N LEU C 43 -21.32 -6.52 -29.57
CA LEU C 43 -20.80 -6.74 -28.22
C LEU C 43 -21.77 -7.65 -27.46
N PRO C 44 -21.30 -8.46 -26.49
CA PRO C 44 -22.24 -9.32 -25.74
C PRO C 44 -23.27 -8.50 -24.96
N ASP C 45 -24.43 -9.09 -24.66
CA ASP C 45 -25.48 -8.44 -23.86
C ASP C 45 -24.94 -8.01 -22.49
N SER C 46 -24.00 -8.79 -21.92
CA SER C 46 -23.39 -8.47 -20.63
C SER C 46 -22.63 -7.14 -20.63
N PHE C 47 -22.22 -6.65 -21.82
CA PHE C 47 -21.48 -5.40 -21.92
C PHE C 47 -22.28 -4.18 -21.45
N PHE C 48 -23.62 -4.25 -21.52
CA PHE C 48 -24.46 -3.12 -21.14
C PHE C 48 -25.28 -3.34 -19.87
N LYS C 49 -25.14 -4.51 -19.23
CA LYS C 49 -25.82 -4.76 -17.97
C LYS C 49 -24.80 -5.11 -16.89
N PRO C 50 -24.67 -4.27 -15.85
CA PRO C 50 -23.74 -4.60 -14.75
C PRO C 50 -24.17 -5.88 -14.03
N PRO C 51 -23.22 -6.71 -13.57
CA PRO C 51 -23.58 -7.98 -12.91
C PRO C 51 -24.76 -7.93 -11.94
N GLN D 5 3.77 -15.42 7.18
CA GLN D 5 3.92 -14.90 8.55
C GLN D 5 3.81 -16.01 9.61
N ILE D 6 4.93 -16.34 10.27
CA ILE D 6 4.95 -17.36 11.30
C ILE D 6 4.78 -16.73 12.69
N VAL D 7 3.75 -17.15 13.43
CA VAL D 7 3.49 -16.59 14.76
C VAL D 7 3.69 -17.63 15.87
N HIS D 8 4.55 -17.33 16.85
CA HIS D 8 4.81 -18.21 18.00
C HIS D 8 4.15 -17.58 19.21
N VAL D 9 3.08 -18.22 19.72
CA VAL D 9 2.34 -17.72 20.88
C VAL D 9 2.63 -18.58 22.09
N ARG D 10 2.95 -17.96 23.24
CA ARG D 10 3.18 -18.72 24.47
C ARG D 10 1.86 -19.33 24.96
N GLY D 11 1.92 -20.54 25.50
CA GLY D 11 0.76 -21.29 25.96
C GLY D 11 -0.14 -20.63 26.99
N ASP D 12 0.35 -19.56 27.63
CA ASP D 12 -0.42 -18.86 28.65
C ASP D 12 -0.67 -17.39 28.30
N SER D 13 -0.69 -17.03 27.01
CA SER D 13 -0.86 -15.64 26.59
C SER D 13 -2.12 -14.95 27.14
N GLU D 14 -3.18 -15.73 27.38
CA GLU D 14 -4.45 -15.24 27.93
C GLU D 14 -4.31 -14.73 29.37
N THR D 15 -3.73 -15.55 30.27
CA THR D 15 -3.51 -15.16 31.66
C THR D 15 -2.39 -14.12 31.75
N ASP D 16 -1.40 -14.19 30.86
CA ASP D 16 -0.31 -13.22 30.82
C ASP D 16 -0.83 -11.82 30.44
N LEU D 17 -1.84 -11.75 29.55
CA LEU D 17 -2.42 -10.46 29.19
C LEU D 17 -3.13 -9.86 30.40
N GLU D 18 -3.88 -10.66 31.18
CA GLU D 18 -4.55 -10.15 32.38
C GLU D 18 -3.54 -9.78 33.47
N ALA D 19 -2.38 -10.46 33.51
CA ALA D 19 -1.34 -10.13 34.47
C ALA D 19 -0.76 -8.72 34.22
N LEU D 20 -0.77 -8.21 32.98
CA LEU D 20 -0.32 -6.84 32.71
C LEU D 20 -1.23 -5.83 33.43
N PHE D 21 -2.54 -6.13 33.47
CA PHE D 21 -3.55 -5.25 34.07
C PHE D 21 -3.70 -5.43 35.57
N ASN D 22 -3.43 -6.64 36.10
CA ASN D 22 -3.59 -6.93 37.53
C ASN D 22 -2.81 -5.95 38.43
N ALA D 23 -1.62 -5.55 37.99
CA ALA D 23 -0.76 -4.63 38.73
C ALA D 23 -1.32 -3.20 38.86
N VAL D 24 -2.33 -2.85 38.07
CA VAL D 24 -2.93 -1.52 38.10
C VAL D 24 -4.38 -1.55 38.58
N THR D 35 11.05 -2.16 41.33
CA THR D 35 11.85 -1.62 40.22
C THR D 35 11.77 -0.10 40.11
N VAL D 36 12.76 0.51 39.42
CA VAL D 36 12.73 1.96 39.20
C VAL D 36 11.79 2.32 38.04
N PRO D 37 10.80 3.20 38.28
CA PRO D 37 9.89 3.60 37.19
C PRO D 37 10.66 4.29 36.06
N MET D 38 10.23 4.11 34.80
CA MET D 38 10.89 4.74 33.64
C MET D 38 11.12 6.24 33.81
N ARG D 39 10.13 6.96 34.39
CA ARG D 39 10.19 8.39 34.70
C ARG D 39 11.37 8.80 35.61
N LEU D 40 11.95 7.85 36.32
CA LEU D 40 13.08 8.13 37.22
C LEU D 40 14.43 7.62 36.68
N ARG D 41 14.44 7.04 35.48
CA ARG D 41 15.66 6.53 34.88
C ARG D 41 16.43 7.63 34.16
N LYS D 42 17.68 7.34 33.75
CA LYS D 42 18.47 8.30 33.01
C LYS D 42 18.04 8.27 31.55
N LEU D 43 16.97 9.01 31.25
CA LEU D 43 16.40 9.13 29.90
C LEU D 43 16.28 10.61 29.56
N PRO D 44 16.38 11.01 28.28
CA PRO D 44 16.26 12.44 27.95
C PRO D 44 14.91 13.01 28.39
N ASP D 45 14.86 14.34 28.66
CA ASP D 45 13.62 15.04 29.03
C ASP D 45 12.53 14.83 27.99
N SER D 46 12.92 14.75 26.70
CA SER D 46 12.00 14.53 25.59
C SER D 46 11.24 13.22 25.69
N PHE D 47 11.77 12.21 26.43
CA PHE D 47 11.13 10.90 26.56
C PHE D 47 9.76 10.97 27.21
N PHE D 48 9.50 11.98 28.04
CA PHE D 48 8.24 12.11 28.76
C PHE D 48 7.39 13.31 28.34
N LYS D 49 7.84 14.08 27.33
CA LYS D 49 7.03 15.18 26.79
C LYS D 49 6.76 14.90 25.32
N PRO D 50 5.49 14.58 24.96
CA PRO D 50 5.17 14.33 23.53
C PRO D 50 5.43 15.56 22.67
N PRO D 51 5.92 15.39 21.43
CA PRO D 51 6.23 16.57 20.59
C PRO D 51 5.18 17.68 20.57
C1 MYR E . -3.36 8.43 -15.30
O1 MYR E . -2.22 8.83 -15.38
O2 MYR E . -4.28 9.29 -14.87
C2 MYR E . -3.71 7.04 -15.71
C3 MYR E . -4.51 6.33 -14.60
C4 MYR E . -5.95 6.11 -15.06
C5 MYR E . -6.35 4.67 -14.76
C6 MYR E . -7.46 4.67 -13.72
C7 MYR E . -8.77 5.05 -14.40
C8 MYR E . -9.96 4.78 -13.49
C9 MYR E . -10.60 6.13 -13.19
C10 MYR E . -11.85 5.94 -12.34
C11 MYR E . -13.09 6.11 -13.20
C12 MYR E . -13.21 7.51 -13.81
C13 MYR E . -13.77 7.44 -15.24
C14 MYR E . -15.23 6.97 -15.24
C1 MYR F . 2.07 -8.41 16.25
O1 MYR F . 2.06 -9.61 16.16
O2 MYR F . 0.89 -7.76 16.32
C2 MYR F . 3.39 -7.69 16.35
C3 MYR F . 3.39 -6.31 15.70
C4 MYR F . 3.17 -5.27 16.79
C5 MYR F . 3.51 -3.87 16.26
C6 MYR F . 2.32 -2.96 16.55
C7 MYR F . 2.78 -1.53 16.81
C8 MYR F . 2.14 -1.02 18.09
C9 MYR F . 0.63 -0.81 17.94
C10 MYR F . 0.13 0.08 19.08
C11 MYR F . -0.60 -0.76 20.13
C12 MYR F . -1.41 0.11 21.08
C13 MYR F . -0.85 -0.02 22.50
C14 MYR F . -0.39 1.36 22.95
#